data_8YWV
#
_entry.id   8YWV
#
_cell.length_a   50.025
_cell.length_b   61.493
_cell.length_c   97.540
_cell.angle_alpha   90.000
_cell.angle_beta   90.000
_cell.angle_gamma   90.000
#
_symmetry.space_group_name_H-M   'P 21 21 21'
#
loop_
_entity.id
_entity.type
_entity.pdbx_description
1 polymer 'Peroxisome proliferator-activated receptor alpha'
2 polymer 'Peroxisome proliferator-activated receptor gamma coactivator 1-alpha'
3 non-polymer '1-(4-fluorophenyl)-6-[4-(2-methylpropoxycarbonyl)piperazin-1-yl]-3-pentan-3-yl-pyrazolo[3,4-b]pyridine-4-carboxylic acid'
4 water water
#
loop_
_entity_poly.entity_id
_entity_poly.type
_entity_poly.pdbx_seq_one_letter_code
_entity_poly.pdbx_strand_id
1 'polypeptide(L)'
;GGQTADLKSLAKRIYEAYLKNFNMNKVKARVILSGKASNNPPFVIHDMETLCMAEKTLVAKLVANGIQNKEAEVRIFHCC
QCTSVETVTELTEFAKAIPGFANLDLNDQVTLLKYGVYEAIFAMLSSVMNKDGMLVAYGNGFITREFLKSLRKPFCDIME
PKFDFAMKFNALELDDSDISLFVAAIICCGDRPGLLNVGHIEKMQEGIVHVLRLHLQSNHPDDIFLFPKLLQKMADLRQL
VTEHAQLVQIIKKTESDAALHPLLQEIYRDMY
;
A
2 'polypeptide(L)' PQEAEEPSLLKKLLLAPANTQL B
#
# COMPACT_ATOMS: atom_id res chain seq x y z
N LYS A 8 15.73 -1.24 21.27
CA LYS A 8 15.77 -2.19 22.38
C LYS A 8 14.96 -3.41 21.99
N SER A 9 13.66 -3.30 22.26
CA SER A 9 12.62 -4.13 21.68
C SER A 9 11.88 -3.38 20.58
N LEU A 10 12.51 -2.35 20.03
CA LEU A 10 11.88 -1.53 18.99
C LEU A 10 11.35 -2.40 17.86
N ALA A 11 12.14 -3.38 17.43
CA ALA A 11 11.72 -4.21 16.31
C ALA A 11 10.53 -5.08 16.67
N LYS A 12 10.44 -5.53 17.91
CA LYS A 12 9.30 -6.32 18.34
C LYS A 12 8.04 -5.47 18.39
N ARG A 13 8.17 -4.26 18.92
CA ARG A 13 7.04 -3.33 18.96
C ARG A 13 6.53 -3.01 17.56
N ILE A 14 7.43 -2.84 16.59
CA ILE A 14 6.97 -2.52 15.23
C ILE A 14 6.31 -3.73 14.59
N TYR A 15 6.87 -4.92 14.77
CA TYR A 15 6.26 -6.13 14.23
C TYR A 15 4.87 -6.35 14.82
N GLU A 16 4.73 -6.16 16.13
CA GLU A 16 3.43 -6.36 16.75
C GLU A 16 2.42 -5.32 16.28
N ALA A 17 2.86 -4.07 16.11
CA ALA A 17 1.94 -3.06 15.59
C ALA A 17 1.47 -3.42 14.19
N TYR A 18 2.36 -4.00 13.40
CA TYR A 18 2.01 -4.43 12.05
C TYR A 18 0.98 -5.55 12.09
N LEU A 19 1.23 -6.58 12.90
CA LEU A 19 0.28 -7.69 13.02
C LEU A 19 -1.05 -7.20 13.56
N LYS A 20 -1.05 -6.21 14.45
CA LYS A 20 -2.31 -5.75 15.00
C LYS A 20 -3.08 -4.89 14.00
N ASN A 21 -2.41 -4.14 13.11
CA ASN A 21 -3.12 -3.11 12.38
C ASN A 21 -3.46 -3.43 10.93
N PHE A 22 -2.87 -4.45 10.30
CA PHE A 22 -3.12 -4.73 8.89
C PHE A 22 -3.93 -6.01 8.76
N ASN A 23 -5.07 -5.91 8.08
CA ASN A 23 -5.91 -7.09 7.93
C ASN A 23 -5.26 -8.11 7.01
N MET A 24 -4.49 -7.66 6.03
CA MET A 24 -3.81 -8.58 5.14
C MET A 24 -2.31 -8.48 5.39
N ASN A 25 -1.64 -9.63 5.34
CA ASN A 25 -0.19 -9.67 5.41
C ASN A 25 0.25 -10.84 4.55
N LYS A 26 1.57 -11.06 4.54
CA LYS A 26 2.13 -12.01 3.59
C LYS A 26 1.80 -13.44 3.98
N VAL A 27 1.85 -13.77 5.27
CA VAL A 27 1.57 -15.16 5.67
C VAL A 27 0.13 -15.52 5.29
N LYS A 28 -0.83 -14.65 5.64
CA LYS A 28 -2.23 -14.89 5.28
C LYS A 28 -2.40 -14.95 3.76
N ALA A 29 -1.74 -14.06 3.05
CA ALA A 29 -1.85 -14.01 1.62
C ALA A 29 -1.32 -15.24 0.94
N ARG A 30 -0.19 -15.74 1.40
CA ARG A 30 0.38 -16.92 0.81
C ARG A 30 -0.45 -18.17 1.09
N VAL A 31 -1.16 -18.21 2.20
CA VAL A 31 -2.05 -19.33 2.45
C VAL A 31 -3.09 -19.35 1.32
N ILE A 32 -3.64 -18.20 0.96
CA ILE A 32 -4.64 -18.12 -0.10
C ILE A 32 -4.00 -18.31 -1.47
N LEU A 33 -2.82 -17.73 -1.68
CA LEU A 33 -2.18 -17.80 -2.99
C LEU A 33 -1.59 -19.18 -3.28
N SER A 34 -1.58 -20.08 -2.30
CA SER A 34 -1.03 -21.42 -2.47
C SER A 34 -2.12 -22.47 -2.51
N PRO A 41 -10.05 -21.98 -1.64
CA PRO A 41 -9.53 -21.07 -2.67
C PRO A 41 -10.45 -19.88 -2.94
N PRO A 42 -9.89 -18.79 -3.45
CA PRO A 42 -10.68 -17.60 -3.77
C PRO A 42 -11.33 -17.71 -5.14
N PHE A 43 -12.22 -16.75 -5.42
CA PHE A 43 -12.91 -16.71 -6.69
C PHE A 43 -12.08 -15.94 -7.72
N VAL A 44 -11.81 -16.57 -8.86
CA VAL A 44 -10.95 -15.98 -9.88
C VAL A 44 -11.77 -15.07 -10.79
N ILE A 45 -11.42 -13.79 -10.82
CA ILE A 45 -11.99 -12.81 -11.73
C ILE A 45 -11.06 -12.67 -12.93
N HIS A 46 -11.50 -13.09 -14.12
CA HIS A 46 -10.66 -13.04 -15.30
C HIS A 46 -11.35 -12.51 -16.54
N ASP A 47 -12.64 -12.18 -16.47
CA ASP A 47 -13.34 -11.52 -17.55
C ASP A 47 -14.52 -10.74 -16.97
N MET A 48 -15.28 -10.11 -17.87
CA MET A 48 -16.50 -9.41 -17.46
C MET A 48 -17.44 -10.34 -16.70
N GLU A 49 -17.61 -11.56 -17.20
CA GLU A 49 -18.59 -12.48 -16.60
C GLU A 49 -18.23 -12.80 -15.16
N THR A 50 -17.00 -13.30 -14.93
CA THR A 50 -16.61 -13.64 -13.56
C THR A 50 -16.57 -12.42 -12.65
N LEU A 51 -16.23 -11.25 -13.20
CA LEU A 51 -16.32 -10.03 -12.40
C LEU A 51 -17.74 -9.82 -11.90
N CYS A 52 -18.73 -10.05 -12.79
CA CYS A 52 -20.13 -9.88 -12.39
C CYS A 52 -20.54 -10.87 -11.32
N MET A 53 -20.11 -12.14 -11.46
CA MET A 53 -20.40 -13.15 -10.45
C MET A 53 -19.81 -12.78 -9.11
N ALA A 54 -18.56 -12.30 -9.09
CA ALA A 54 -17.94 -11.90 -7.83
C ALA A 54 -18.73 -10.77 -7.17
N GLU A 55 -19.10 -9.76 -7.95
CA GLU A 55 -19.88 -8.66 -7.42
C GLU A 55 -21.21 -9.14 -6.83
N LYS A 56 -21.91 -10.01 -7.55
CA LYS A 56 -23.22 -10.46 -7.11
C LYS A 56 -23.16 -11.15 -5.75
N THR A 57 -22.09 -11.90 -5.50
CA THR A 57 -22.02 -12.62 -4.23
C THR A 57 -21.32 -11.81 -3.15
N LEU A 58 -20.26 -11.06 -3.48
CA LEU A 58 -19.50 -10.36 -2.46
C LEU A 58 -20.04 -8.98 -2.12
N VAL A 59 -20.60 -8.24 -3.09
CA VAL A 59 -21.23 -6.95 -2.79
C VAL A 59 -22.63 -6.91 -3.40
N ALA A 60 -23.55 -7.69 -2.85
CA ALA A 60 -24.89 -7.79 -3.42
C ALA A 60 -25.61 -6.45 -3.40
N LYS A 61 -25.39 -5.62 -2.38
CA LYS A 61 -26.11 -4.35 -2.31
C LYS A 61 -25.76 -3.44 -3.49
N LEU A 62 -24.52 -3.52 -3.98
CA LEU A 62 -24.09 -2.64 -5.07
C LEU A 62 -24.67 -3.09 -6.41
N VAL A 63 -24.75 -4.40 -6.64
CA VAL A 63 -25.27 -4.88 -7.93
C VAL A 63 -26.73 -4.48 -8.09
N ALA A 64 -27.49 -4.47 -6.99
CA ALA A 64 -28.89 -4.08 -7.00
C ALA A 64 -29.08 -2.57 -6.94
N ASN A 65 -28.00 -1.80 -7.02
CA ASN A 65 -28.07 -0.34 -7.06
C ASN A 65 -27.52 0.22 -8.37
N GLY A 66 -27.37 -0.63 -9.38
CA GLY A 66 -26.98 -0.16 -10.70
C GLY A 66 -25.49 -0.04 -10.93
N ILE A 67 -24.66 -0.66 -10.10
CA ILE A 67 -23.22 -0.53 -10.30
C ILE A 67 -22.78 -1.30 -11.53
N GLN A 68 -23.52 -2.33 -11.92
CA GLN A 68 -23.18 -3.06 -13.13
C GLN A 68 -23.57 -2.32 -14.39
N ASN A 69 -24.19 -1.14 -14.27
CA ASN A 69 -24.37 -0.25 -15.42
C ASN A 69 -23.05 0.39 -15.81
N LYS A 70 -22.33 0.97 -14.84
CA LYS A 70 -21.07 1.62 -15.15
C LYS A 70 -20.03 0.59 -15.60
N GLU A 71 -18.96 1.10 -16.20
CA GLU A 71 -17.98 0.25 -16.86
C GLU A 71 -17.26 -0.66 -15.85
N ALA A 72 -16.73 -1.77 -16.38
CA ALA A 72 -15.90 -2.65 -15.57
C ALA A 72 -14.71 -1.89 -14.98
N GLU A 73 -14.05 -1.07 -15.81
CA GLU A 73 -12.93 -0.26 -15.34
C GLU A 73 -13.33 0.63 -14.17
N VAL A 74 -14.53 1.22 -14.23
CA VAL A 74 -14.92 2.11 -13.15
C VAL A 74 -15.26 1.33 -11.89
N ARG A 75 -15.78 0.12 -12.03
CA ARG A 75 -16.05 -0.69 -10.85
C ARG A 75 -14.76 -1.15 -10.20
N ILE A 76 -13.78 -1.60 -10.99
CA ILE A 76 -12.50 -1.99 -10.44
C ILE A 76 -11.81 -0.79 -9.83
N PHE A 77 -11.92 0.37 -10.48
CA PHE A 77 -11.37 1.61 -9.94
C PHE A 77 -11.89 1.86 -8.53
N HIS A 78 -13.19 1.67 -8.32
CA HIS A 78 -13.73 1.96 -6.99
C HIS A 78 -13.31 0.90 -5.99
N CYS A 79 -13.21 -0.36 -6.41
CA CYS A 79 -12.66 -1.38 -5.54
C CYS A 79 -11.25 -0.99 -5.06
N CYS A 80 -10.35 -0.68 -6.00
CA CYS A 80 -9.00 -0.32 -5.61
C CYS A 80 -8.99 0.93 -4.73
N GLN A 81 -9.78 1.93 -5.11
CA GLN A 81 -9.84 3.16 -4.32
C GLN A 81 -10.22 2.90 -2.87
N CYS A 82 -11.28 2.12 -2.65
CA CYS A 82 -11.71 1.80 -1.29
C CYS A 82 -10.62 1.02 -0.55
N THR A 83 -9.90 0.15 -1.25
CA THR A 83 -8.82 -0.58 -0.59
C THR A 83 -7.73 0.37 -0.12
N SER A 84 -7.28 1.28 -1.01
CA SER A 84 -6.29 2.26 -0.59
C SER A 84 -6.79 3.06 0.60
N VAL A 85 -8.07 3.46 0.58
CA VAL A 85 -8.60 4.27 1.69
C VAL A 85 -8.55 3.50 3.00
N GLU A 86 -9.00 2.23 2.98
CA GLU A 86 -8.86 1.37 4.15
C GLU A 86 -7.40 1.25 4.59
N THR A 87 -6.49 1.08 3.63
CA THR A 87 -5.11 0.86 4.02
C THR A 87 -4.48 2.12 4.62
N VAL A 88 -4.89 3.30 4.15
CA VAL A 88 -4.37 4.52 4.76
C VAL A 88 -4.77 4.59 6.22
N THR A 89 -5.98 4.16 6.54
CA THR A 89 -6.42 4.14 7.93
C THR A 89 -5.56 3.21 8.75
N GLU A 90 -5.33 1.99 8.23
CA GLU A 90 -4.45 1.03 8.93
C GLU A 90 -3.04 1.59 9.09
N LEU A 91 -2.54 2.27 8.05
CA LEU A 91 -1.19 2.81 8.11
C LEU A 91 -1.09 3.89 9.16
N THR A 92 -2.13 4.73 9.27
CA THR A 92 -2.13 5.78 10.29
C THR A 92 -2.07 5.18 11.69
N GLU A 93 -2.87 4.14 11.93
CA GLU A 93 -2.87 3.47 13.22
C GLU A 93 -1.53 2.77 13.46
N PHE A 94 -0.97 2.15 12.42
CA PHE A 94 0.36 1.58 12.54
C PHE A 94 1.38 2.65 12.92
N ALA A 95 1.33 3.81 12.27
CA ALA A 95 2.32 4.86 12.54
C ALA A 95 2.23 5.36 13.97
N LYS A 96 1.00 5.54 14.46
CA LYS A 96 0.78 5.95 15.85
C LYS A 96 1.41 5.00 16.84
N ALA A 97 1.69 3.76 16.45
CA ALA A 97 2.28 2.79 17.37
C ALA A 97 3.76 2.60 17.15
N ILE A 98 4.37 3.34 16.23
CA ILE A 98 5.82 3.33 16.06
C ILE A 98 6.42 4.20 17.15
N PRO A 99 7.27 3.67 18.04
CA PRO A 99 7.84 4.48 19.13
C PRO A 99 8.40 5.80 18.64
N GLY A 100 7.88 6.93 19.16
CA GLY A 100 8.33 8.24 18.78
C GLY A 100 7.34 9.01 17.92
N PHE A 101 6.58 8.31 17.07
CA PHE A 101 5.71 8.99 16.14
C PHE A 101 4.65 9.82 16.85
N ALA A 102 4.09 9.28 17.93
CA ALA A 102 3.03 9.99 18.65
C ALA A 102 3.50 11.33 19.23
N ASN A 103 4.79 11.50 19.44
CA ASN A 103 5.31 12.74 20.02
C ASN A 103 5.60 13.82 18.99
N LEU A 104 5.56 13.50 17.71
CA LEU A 104 5.85 14.50 16.69
C LEU A 104 4.71 15.50 16.61
N ASP A 105 5.03 16.67 16.07
CA ASP A 105 4.00 17.65 15.76
C ASP A 105 2.97 17.07 14.80
N LEU A 106 1.71 17.48 14.98
CA LEU A 106 0.65 16.96 14.13
C LEU A 106 0.91 17.24 12.66
N ASN A 107 1.39 18.45 12.32
CA ASN A 107 1.65 18.76 10.92
C ASN A 107 2.79 17.90 10.38
N ASP A 108 3.82 17.67 11.19
CA ASP A 108 4.86 16.76 10.77
C ASP A 108 4.29 15.35 10.58
N GLN A 109 3.37 14.94 11.46
CA GLN A 109 2.73 13.63 11.32
C GLN A 109 1.94 13.55 10.03
N VAL A 110 1.29 14.65 9.63
CA VAL A 110 0.51 14.68 8.39
C VAL A 110 1.43 14.59 7.18
N THR A 111 2.51 15.37 7.19
CA THR A 111 3.51 15.29 6.13
C THR A 111 4.04 13.87 5.94
N LEU A 112 4.45 13.23 7.04
CA LEU A 112 5.04 11.89 6.93
C LEU A 112 4.05 10.92 6.30
N LEU A 113 2.79 10.95 6.72
CA LEU A 113 1.81 10.04 6.14
C LEU A 113 1.51 10.42 4.69
N LYS A 114 1.32 11.71 4.42
CA LYS A 114 0.95 12.14 3.08
C LYS A 114 1.95 11.66 2.04
N TYR A 115 3.24 11.81 2.31
CA TYR A 115 4.23 11.37 1.34
C TYR A 115 4.64 9.91 1.51
N GLY A 116 4.26 9.25 2.61
CA GLY A 116 4.71 7.90 2.84
C GLY A 116 3.73 6.77 2.54
N VAL A 117 2.43 7.04 2.53
CA VAL A 117 1.47 5.93 2.54
C VAL A 117 1.53 5.16 1.23
N TYR A 118 1.70 5.84 0.10
CA TYR A 118 1.65 5.09 -1.16
C TYR A 118 2.92 4.29 -1.39
N GLU A 119 4.07 4.75 -0.90
CA GLU A 119 5.23 3.86 -0.96
C GLU A 119 4.99 2.61 -0.13
N ALA A 120 4.34 2.77 1.03
CA ALA A 120 4.03 1.62 1.88
C ALA A 120 2.98 0.71 1.23
N ILE A 121 1.94 1.30 0.67
CA ILE A 121 0.88 0.52 0.02
C ILE A 121 1.46 -0.33 -1.09
N PHE A 122 2.31 0.26 -1.96
CA PHE A 122 2.81 -0.54 -3.08
C PHE A 122 3.85 -1.56 -2.60
N ALA A 123 4.57 -1.28 -1.50
CA ALA A 123 5.38 -2.31 -0.87
C ALA A 123 4.52 -3.48 -0.41
N MET A 124 3.46 -3.19 0.34
CA MET A 124 2.58 -4.25 0.88
C MET A 124 1.73 -4.91 -0.19
N LEU A 125 1.38 -4.19 -1.26
CA LEU A 125 0.65 -4.77 -2.39
C LEU A 125 1.37 -6.01 -2.93
N SER A 126 2.70 -5.98 -2.89
CA SER A 126 3.48 -7.09 -3.40
C SER A 126 3.12 -8.40 -2.69
N SER A 127 2.76 -8.32 -1.41
CA SER A 127 2.45 -9.53 -0.65
C SER A 127 1.20 -10.23 -1.16
N VAL A 128 0.25 -9.50 -1.74
CA VAL A 128 -0.98 -10.11 -2.22
C VAL A 128 -0.92 -10.40 -3.72
N MET A 129 0.26 -10.32 -4.34
CA MET A 129 0.45 -10.58 -5.76
C MET A 129 1.26 -11.84 -5.99
N ASN A 130 0.92 -12.54 -7.07
CA ASN A 130 1.90 -13.42 -7.69
C ASN A 130 1.98 -13.08 -9.18
N LYS A 131 2.68 -13.90 -9.97
CA LYS A 131 2.89 -13.52 -11.37
C LYS A 131 1.58 -13.46 -12.17
N ASP A 132 0.52 -14.13 -11.71
CA ASP A 132 -0.71 -14.24 -12.47
C ASP A 132 -1.83 -13.29 -12.04
N GLY A 133 -1.71 -12.60 -10.91
CA GLY A 133 -2.79 -11.76 -10.46
C GLY A 133 -2.61 -11.36 -9.00
N MET A 134 -3.67 -10.78 -8.45
CA MET A 134 -3.64 -10.20 -7.12
C MET A 134 -4.95 -10.46 -6.36
N LEU A 135 -4.81 -10.68 -5.06
CA LEU A 135 -5.97 -10.86 -4.19
C LEU A 135 -6.71 -9.55 -4.01
N VAL A 136 -8.04 -9.65 -3.91
CA VAL A 136 -8.90 -8.51 -3.66
C VAL A 136 -10.02 -8.97 -2.73
N ALA A 137 -10.71 -7.99 -2.17
CA ALA A 137 -11.93 -8.22 -1.39
C ALA A 137 -11.63 -9.06 -0.15
N TYR A 138 -10.65 -8.61 0.63
CA TYR A 138 -10.24 -9.26 1.87
C TYR A 138 -9.83 -10.71 1.63
N GLY A 139 -9.19 -10.97 0.49
CA GLY A 139 -8.70 -12.30 0.19
C GLY A 139 -9.73 -13.23 -0.41
N ASN A 140 -10.96 -12.77 -0.67
CA ASN A 140 -11.99 -13.61 -1.25
C ASN A 140 -12.05 -13.57 -2.78
N GLY A 141 -11.33 -12.63 -3.42
CA GLY A 141 -11.27 -12.58 -4.87
C GLY A 141 -9.84 -12.56 -5.35
N PHE A 142 -9.66 -12.99 -6.60
CA PHE A 142 -8.35 -12.97 -7.26
C PHE A 142 -8.55 -12.46 -8.68
N ILE A 143 -8.06 -11.26 -8.95
CA ILE A 143 -8.22 -10.67 -10.29
C ILE A 143 -6.92 -10.90 -11.06
N THR A 144 -7.04 -11.39 -12.30
CA THR A 144 -5.88 -11.85 -13.05
C THR A 144 -5.12 -10.67 -13.65
N ARG A 145 -3.80 -10.85 -13.77
CA ARG A 145 -2.95 -9.83 -14.40
C ARG A 145 -3.38 -9.56 -15.84
N GLU A 146 -3.66 -10.62 -16.59
CA GLU A 146 -4.12 -10.46 -17.98
C GLU A 146 -5.41 -9.66 -18.04
N PHE A 147 -6.37 -9.94 -17.14
CA PHE A 147 -7.64 -9.21 -17.20
C PHE A 147 -7.42 -7.72 -17.00
N LEU A 148 -6.59 -7.34 -16.02
CA LEU A 148 -6.26 -5.92 -15.85
C LEU A 148 -5.59 -5.38 -17.10
N LYS A 149 -4.68 -6.15 -17.68
CA LYS A 149 -4.02 -5.73 -18.91
C LYS A 149 -5.01 -5.52 -20.05
N SER A 150 -6.17 -6.19 -19.99
CA SER A 150 -7.14 -6.14 -21.07
C SER A 150 -8.10 -4.95 -20.99
N LEU A 151 -8.05 -4.14 -19.93
CA LEU A 151 -9.01 -3.05 -19.81
C LEU A 151 -8.63 -1.90 -20.76
N ARG A 152 -9.51 -0.91 -20.84
CA ARG A 152 -9.24 0.21 -21.73
C ARG A 152 -8.34 1.22 -21.03
N LYS A 153 -7.52 1.91 -21.82
CA LYS A 153 -6.67 2.93 -21.25
C LYS A 153 -7.52 3.98 -20.52
N PRO A 154 -6.97 4.63 -19.48
CA PRO A 154 -5.65 4.41 -18.89
C PRO A 154 -5.63 3.30 -17.84
N PHE A 155 -6.75 2.59 -17.68
CA PHE A 155 -6.88 1.70 -16.53
C PHE A 155 -5.93 0.52 -16.63
N CYS A 156 -5.76 -0.03 -17.84
CA CYS A 156 -4.83 -1.14 -18.04
C CYS A 156 -3.38 -0.75 -17.76
N ASP A 157 -3.09 0.54 -17.59
CA ASP A 157 -1.75 1.03 -17.31
C ASP A 157 -1.44 1.11 -15.81
N ILE A 158 -2.39 0.88 -14.92
CA ILE A 158 -2.19 1.21 -13.51
C ILE A 158 -1.42 0.11 -12.80
N MET A 159 -1.93 -1.12 -12.83
CA MET A 159 -1.35 -2.17 -12.00
C MET A 159 -0.09 -2.78 -12.58
N GLU A 160 0.12 -2.70 -13.90
CA GLU A 160 1.22 -3.45 -14.50
C GLU A 160 2.60 -3.13 -13.94
N PRO A 161 3.02 -1.87 -13.77
CA PRO A 161 4.33 -1.65 -13.12
C PRO A 161 4.36 -2.10 -11.66
N LYS A 162 3.21 -2.18 -10.99
CA LYS A 162 3.19 -2.68 -9.61
C LYS A 162 3.49 -4.17 -9.59
N PHE A 163 2.89 -4.94 -10.51
CA PHE A 163 3.27 -6.34 -10.72
C PHE A 163 4.77 -6.47 -10.97
N ASP A 164 5.33 -5.62 -11.84
CA ASP A 164 6.76 -5.72 -12.13
C ASP A 164 7.58 -5.50 -10.86
N PHE A 165 7.26 -4.46 -10.09
CA PHE A 165 7.96 -4.23 -8.82
C PHE A 165 7.78 -5.43 -7.90
N ALA A 166 6.57 -5.96 -7.81
CA ALA A 166 6.29 -7.02 -6.84
C ALA A 166 7.07 -8.28 -7.16
N MET A 167 7.24 -8.61 -8.44
CA MET A 167 7.96 -9.83 -8.79
C MET A 167 9.40 -9.80 -8.28
N LYS A 168 10.09 -8.68 -8.46
CA LYS A 168 11.45 -8.57 -7.93
C LYS A 168 11.45 -8.43 -6.41
N PHE A 169 10.58 -7.59 -5.87
CA PHE A 169 10.51 -7.45 -4.42
C PHE A 169 10.22 -8.79 -3.75
N ASN A 170 9.30 -9.57 -4.32
CA ASN A 170 8.97 -10.87 -3.74
C ASN A 170 10.10 -11.88 -3.89
N ALA A 171 10.94 -11.70 -4.91
CA ALA A 171 12.10 -12.57 -5.07
C ALA A 171 13.11 -12.43 -3.93
N LEU A 172 13.06 -11.32 -3.18
CA LEU A 172 13.89 -11.19 -1.98
C LEU A 172 13.43 -12.08 -0.84
N GLU A 173 12.21 -12.59 -0.90
CA GLU A 173 11.68 -13.53 0.10
C GLU A 173 11.63 -12.92 1.50
N LEU A 174 11.18 -11.68 1.60
CA LEU A 174 10.96 -11.12 2.92
C LEU A 174 9.75 -11.77 3.56
N ASP A 175 9.75 -11.79 4.89
CA ASP A 175 8.56 -12.14 5.63
C ASP A 175 8.03 -10.88 6.34
N ASP A 176 6.92 -11.08 7.06
CA ASP A 176 6.22 -9.96 7.67
C ASP A 176 7.08 -9.22 8.67
N SER A 177 7.94 -9.93 9.41
CA SER A 177 8.78 -9.22 10.38
C SER A 177 9.72 -8.26 9.66
N ASP A 178 10.29 -8.67 8.51
CA ASP A 178 11.12 -7.73 7.74
C ASP A 178 10.26 -6.61 7.14
N ILE A 179 9.10 -6.96 6.57
CA ILE A 179 8.26 -5.98 5.89
C ILE A 179 7.79 -4.92 6.89
N SER A 180 7.52 -5.32 8.14
CA SER A 180 7.05 -4.36 9.11
C SER A 180 8.10 -3.27 9.37
N LEU A 181 9.38 -3.65 9.44
CA LEU A 181 10.43 -2.66 9.66
C LEU A 181 10.65 -1.80 8.41
N PHE A 182 10.57 -2.43 7.23
CA PHE A 182 10.68 -1.71 5.97
C PHE A 182 9.60 -0.64 5.85
N VAL A 183 8.35 -1.00 6.16
CA VAL A 183 7.28 -0.02 6.09
C VAL A 183 7.49 1.08 7.14
N ALA A 184 7.95 0.72 8.33
CA ALA A 184 8.19 1.75 9.34
C ALA A 184 9.27 2.72 8.86
N ALA A 185 10.30 2.21 8.19
CA ALA A 185 11.34 3.07 7.64
C ALA A 185 10.80 4.03 6.59
N ILE A 186 9.91 3.54 5.74
CA ILE A 186 9.24 4.36 4.73
C ILE A 186 8.50 5.52 5.38
N ILE A 187 7.68 5.21 6.40
CA ILE A 187 6.87 6.25 7.02
C ILE A 187 7.74 7.30 7.70
N CYS A 188 8.76 6.87 8.45
CA CYS A 188 9.58 7.79 9.25
C CYS A 188 10.77 8.25 8.40
N CYS A 189 10.45 9.10 7.43
CA CYS A 189 11.40 9.55 6.42
C CYS A 189 11.70 11.02 6.62
N GLY A 190 12.94 11.33 6.97
CA GLY A 190 13.34 12.68 7.29
C GLY A 190 13.51 13.61 6.10
N ASP A 191 13.30 13.17 4.85
CA ASP A 191 13.48 14.08 3.73
C ASP A 191 12.18 14.36 3.01
N ARG A 192 11.04 14.19 3.67
CA ARG A 192 9.79 14.54 3.04
C ARG A 192 9.69 16.07 2.96
N PRO A 193 9.11 16.60 1.88
CA PRO A 193 9.09 18.06 1.70
C PRO A 193 8.24 18.72 2.77
N GLY A 194 8.74 19.82 3.33
CA GLY A 194 7.98 20.60 4.28
C GLY A 194 8.02 20.11 5.70
N LEU A 195 8.92 19.19 6.03
CA LEU A 195 9.05 18.75 7.41
C LEU A 195 9.66 19.86 8.25
N LEU A 196 9.22 19.93 9.50
CA LEU A 196 9.79 20.92 10.42
C LEU A 196 10.89 20.28 11.26
N ASN A 197 10.56 19.27 12.05
CA ASN A 197 11.53 18.68 12.97
C ASN A 197 12.36 17.58 12.28
N VAL A 198 13.09 18.00 11.24
CA VAL A 198 13.86 17.05 10.42
C VAL A 198 14.87 16.29 11.27
N GLY A 199 15.59 16.99 12.15
CA GLY A 199 16.66 16.35 12.90
C GLY A 199 16.17 15.21 13.78
N HIS A 200 14.99 15.36 14.35
CA HIS A 200 14.43 14.30 15.18
C HIS A 200 13.85 13.16 14.34
N ILE A 201 13.24 13.47 13.20
CA ILE A 201 12.70 12.39 12.36
C ILE A 201 13.84 11.60 11.73
N GLU A 202 14.88 12.31 11.28
CA GLU A 202 16.09 11.63 10.80
C GLU A 202 16.66 10.70 11.87
N LYS A 203 16.59 11.12 13.14
CA LYS A 203 17.07 10.25 14.22
C LYS A 203 16.16 9.05 14.41
N MET A 204 14.84 9.25 14.27
CA MET A 204 13.92 8.12 14.31
C MET A 204 14.25 7.14 13.18
N GLN A 205 14.46 7.66 11.97
CA GLN A 205 14.74 6.75 10.86
C GLN A 205 16.04 5.98 11.09
N GLU A 206 17.04 6.64 11.64
CA GLU A 206 18.32 5.98 11.86
C GLU A 206 18.15 4.76 12.76
N GLY A 207 17.37 4.92 13.84
CA GLY A 207 17.10 3.78 14.72
C GLY A 207 16.37 2.66 14.00
N ILE A 208 15.30 3.00 13.25
CA ILE A 208 14.52 1.98 12.54
C ILE A 208 15.40 1.27 11.52
N VAL A 209 16.15 2.03 10.73
CA VAL A 209 17.00 1.42 9.70
C VAL A 209 18.07 0.56 10.35
N HIS A 210 18.58 0.97 11.51
CA HIS A 210 19.60 0.19 12.20
C HIS A 210 19.03 -1.15 12.66
N VAL A 211 17.85 -1.16 13.28
CA VAL A 211 17.31 -2.44 13.71
C VAL A 211 16.90 -3.29 12.51
N LEU A 212 16.51 -2.65 11.39
CA LEU A 212 16.21 -3.44 10.19
C LEU A 212 17.45 -4.16 9.69
N ARG A 213 18.58 -3.45 9.60
CA ARG A 213 19.83 -4.08 9.17
C ARG A 213 20.21 -5.24 10.09
N LEU A 214 20.09 -5.04 11.41
CA LEU A 214 20.41 -6.12 12.34
C LEU A 214 19.42 -7.27 12.19
N HIS A 215 18.14 -6.94 11.99
CA HIS A 215 17.15 -8.00 11.81
C HIS A 215 17.41 -8.81 10.54
N LEU A 216 17.76 -8.13 9.45
CA LEU A 216 18.03 -8.86 8.20
C LEU A 216 19.24 -9.77 8.36
N GLN A 217 20.18 -9.37 9.19
CA GLN A 217 21.42 -10.14 9.34
C GLN A 217 21.14 -11.52 9.94
N SER A 218 20.24 -11.59 10.94
CA SER A 218 19.89 -12.89 11.51
C SER A 218 18.73 -13.57 10.80
N ASN A 219 17.74 -12.83 10.31
CA ASN A 219 16.60 -13.48 9.67
C ASN A 219 16.92 -13.98 8.27
N HIS A 220 17.92 -13.43 7.61
CA HIS A 220 18.35 -13.84 6.27
C HIS A 220 19.86 -13.98 6.22
N PRO A 221 20.45 -14.86 7.04
CA PRO A 221 21.93 -14.91 7.12
C PRO A 221 22.58 -15.30 5.82
N ASP A 222 21.85 -15.91 4.88
CA ASP A 222 22.43 -16.36 3.63
C ASP A 222 22.50 -15.27 2.56
N ASP A 223 21.65 -14.24 2.63
CA ASP A 223 21.71 -13.13 1.67
C ASP A 223 22.37 -11.94 2.36
N ILE A 224 23.70 -11.88 2.23
CA ILE A 224 24.49 -10.88 2.93
C ILE A 224 24.32 -9.49 2.35
N PHE A 225 23.80 -9.38 1.14
CA PHE A 225 23.62 -8.11 0.47
C PHE A 225 22.17 -7.61 0.54
N LEU A 226 21.33 -8.26 1.36
CA LEU A 226 19.91 -7.92 1.39
C LEU A 226 19.69 -6.46 1.81
N PHE A 227 20.45 -5.99 2.80
CA PHE A 227 20.19 -4.64 3.32
C PHE A 227 20.36 -3.56 2.26
N PRO A 228 21.45 -3.48 1.50
CA PRO A 228 21.51 -2.42 0.47
C PRO A 228 20.54 -2.66 -0.69
N LYS A 229 20.20 -3.92 -0.99
CA LYS A 229 19.15 -4.17 -1.97
C LYS A 229 17.83 -3.54 -1.54
N LEU A 230 17.49 -3.66 -0.25
CA LEU A 230 16.25 -3.10 0.25
C LEU A 230 16.29 -1.58 0.28
N LEU A 231 17.44 -1.00 0.60
CA LEU A 231 17.58 0.45 0.50
C LEU A 231 17.27 0.93 -0.91
N GLN A 232 17.81 0.26 -1.93
CA GLN A 232 17.46 0.62 -3.30
C GLN A 232 15.96 0.41 -3.58
N LYS A 233 15.34 -0.63 -2.99
CA LYS A 233 13.92 -0.80 -3.20
C LYS A 233 13.13 0.41 -2.70
N MET A 234 13.58 1.05 -1.63
CA MET A 234 12.90 2.26 -1.19
C MET A 234 13.00 3.36 -2.25
N ALA A 235 14.15 3.49 -2.91
CA ALA A 235 14.25 4.48 -3.99
C ALA A 235 13.36 4.08 -5.16
N ASP A 236 13.29 2.79 -5.50
CA ASP A 236 12.41 2.35 -6.56
C ASP A 236 10.95 2.67 -6.23
N LEU A 237 10.55 2.54 -4.97
CA LEU A 237 9.16 2.81 -4.62
C LEU A 237 8.84 4.29 -4.79
N ARG A 238 9.77 5.17 -4.45
CA ARG A 238 9.55 6.59 -4.64
C ARG A 238 9.28 6.90 -6.09
N GLN A 239 10.06 6.33 -6.99
CA GLN A 239 9.87 6.54 -8.42
C GLN A 239 8.54 5.95 -8.84
N LEU A 240 8.24 4.77 -8.34
CA LEU A 240 7.00 4.12 -8.66
C LEU A 240 5.82 5.01 -8.30
N VAL A 241 5.85 5.64 -7.16
CA VAL A 241 4.76 6.52 -6.74
C VAL A 241 4.75 7.78 -7.60
N THR A 242 5.92 8.26 -8.01
CA THR A 242 5.95 9.42 -8.90
C THR A 242 5.21 9.12 -10.19
N GLU A 243 5.51 7.97 -10.79
CA GLU A 243 4.82 7.58 -12.01
C GLU A 243 3.33 7.34 -11.75
N HIS A 244 2.99 6.74 -10.60
CA HIS A 244 1.58 6.44 -10.32
C HIS A 244 0.76 7.72 -10.19
N ALA A 245 1.34 8.74 -9.57
CA ALA A 245 0.65 10.02 -9.45
C ALA A 245 0.31 10.61 -10.81
N GLN A 246 1.16 10.38 -11.81
CA GLN A 246 0.83 10.87 -13.16
C GLN A 246 -0.38 10.15 -13.72
N LEU A 247 -0.61 8.90 -13.33
CA LEU A 247 -1.84 8.22 -13.74
C LEU A 247 -3.05 8.80 -13.02
N VAL A 248 -2.87 9.23 -11.79
CA VAL A 248 -3.95 9.81 -11.07
C VAL A 248 -4.40 11.13 -11.68
N GLN A 249 -3.49 11.88 -12.27
CA GLN A 249 -3.88 13.14 -12.88
C GLN A 249 -4.70 12.87 -14.12
N ILE A 250 -4.26 11.91 -14.90
CA ILE A 250 -4.97 11.55 -16.10
C ILE A 250 -6.37 11.15 -15.76
N ILE A 251 -6.57 10.48 -14.64
CA ILE A 251 -7.91 10.12 -14.22
C ILE A 251 -8.67 11.35 -13.76
N LYS A 252 -8.02 12.20 -12.96
CA LYS A 252 -8.63 13.43 -12.51
C LYS A 252 -9.10 14.25 -13.69
N LYS A 253 -8.28 14.33 -14.73
CA LYS A 253 -8.52 15.21 -15.86
C LYS A 253 -9.56 14.65 -16.83
N THR A 254 -9.35 13.43 -17.25
CA THR A 254 -10.15 12.84 -18.28
C THR A 254 -11.13 11.72 -18.01
N GLU A 255 -11.53 11.49 -16.78
CA GLU A 255 -12.48 10.42 -16.57
C GLU A 255 -13.67 10.96 -15.83
N SER A 256 -14.84 10.77 -16.42
CA SER A 256 -16.05 11.27 -15.83
C SER A 256 -16.56 10.51 -14.64
N ASP A 257 -16.64 9.21 -14.72
CA ASP A 257 -17.19 8.46 -13.62
C ASP A 257 -16.20 7.90 -12.61
N ALA A 258 -15.00 8.45 -12.56
CA ALA A 258 -13.98 7.99 -11.62
C ALA A 258 -13.67 9.11 -10.63
N ALA A 259 -14.62 9.36 -9.73
CA ALA A 259 -14.45 10.41 -8.74
C ALA A 259 -13.43 9.99 -7.69
N LEU A 260 -12.42 10.82 -7.49
CA LEU A 260 -11.43 10.53 -6.46
C LEU A 260 -12.04 10.70 -5.09
N HIS A 261 -11.87 9.71 -4.22
CA HIS A 261 -12.27 9.83 -2.83
C HIS A 261 -11.62 11.06 -2.21
N PRO A 262 -12.34 11.83 -1.38
CA PRO A 262 -11.75 13.05 -0.80
C PRO A 262 -10.46 12.82 -0.01
N LEU A 263 -10.40 11.78 0.83
CA LEU A 263 -9.14 11.51 1.54
C LEU A 263 -7.98 11.37 0.57
N LEU A 264 -8.20 10.71 -0.57
CA LEU A 264 -7.14 10.54 -1.54
C LEU A 264 -6.85 11.83 -2.29
N GLN A 265 -7.87 12.66 -2.56
CA GLN A 265 -7.58 13.97 -3.15
C GLN A 265 -6.63 14.76 -2.26
N GLU A 266 -6.83 14.69 -0.95
CA GLU A 266 -5.96 15.39 -0.01
C GLU A 266 -4.52 14.89 -0.11
N ILE A 267 -4.34 13.56 -0.11
CA ILE A 267 -3.01 12.99 -0.20
C ILE A 267 -2.32 13.44 -1.48
N TYR A 268 -3.06 13.45 -2.59
CA TYR A 268 -2.45 13.73 -3.88
C TYR A 268 -2.31 15.23 -4.19
N ARG A 269 -2.88 16.12 -3.39
CA ARG A 269 -2.73 17.56 -3.63
C ARG A 269 -1.27 17.97 -3.64
N ASP A 270 -0.82 18.49 -4.79
CA ASP A 270 0.57 18.85 -5.10
C ASP A 270 1.59 17.96 -4.42
N MET A 271 1.64 16.69 -4.82
CA MET A 271 2.65 15.77 -4.32
C MET A 271 3.71 15.49 -5.39
N PRO B 7 -11.47 20.05 8.50
CA PRO B 7 -10.62 20.41 7.36
C PRO B 7 -9.83 19.23 6.77
N SER B 8 -8.58 19.05 7.18
CA SER B 8 -7.75 18.00 6.61
C SER B 8 -8.24 16.63 7.08
N LEU B 9 -8.49 15.73 6.13
CA LEU B 9 -8.92 14.39 6.50
C LEU B 9 -7.80 13.58 7.17
N LEU B 10 -6.54 13.82 6.76
CA LEU B 10 -5.43 13.12 7.41
C LEU B 10 -5.32 13.50 8.89
N LYS B 11 -5.56 14.79 9.22
CA LYS B 11 -5.56 15.20 10.62
C LYS B 11 -6.61 14.43 11.42
N LYS B 12 -7.84 14.29 10.89
CA LYS B 12 -8.90 13.58 11.62
C LYS B 12 -8.49 12.14 11.88
N LEU B 13 -7.83 11.50 10.92
CA LEU B 13 -7.34 10.14 11.14
C LEU B 13 -6.36 10.13 12.29
N LEU B 14 -5.43 11.09 12.30
CA LEU B 14 -4.41 11.12 13.34
C LEU B 14 -4.99 11.49 14.69
N LEU B 15 -6.06 12.28 14.74
CA LEU B 15 -6.63 12.73 16.00
C LEU B 15 -7.68 11.79 16.58
N ALA B 16 -8.06 10.74 15.86
CA ALA B 16 -9.09 9.84 16.34
C ALA B 16 -8.58 9.02 17.53
N PRO B 17 -9.48 8.64 18.46
CA PRO B 17 -9.21 7.72 19.57
C PRO B 17 -8.45 6.47 19.16
#